data_6C91
#
_entry.id   6C91
#
_cell.length_a   95.050
_cell.length_b   95.050
_cell.length_c   178.589
_cell.angle_alpha   90.00
_cell.angle_beta   90.00
_cell.angle_gamma   90.00
#
_symmetry.space_group_name_H-M   'P 43 21 2'
#
loop_
_entity.id
_entity.type
_entity.pdbx_description
1 polymer Endoplasmin
2 non-polymer 'SULFATE ION'
3 non-polymer 5-[2-(1-benzyl-1H-imidazol-2-yl)ethyl]-4,6-dichlorobenzene-1,3-diol
4 non-polymer 1,2-ETHANEDIOL
5 water water
#
_entity_poly.entity_id   1
_entity_poly.type   'polypeptide(L)'
_entity_poly.pdbx_seq_one_letter_code
;GSHMLREKSEKFAFQAEVNRMMKLIINSLYKNKEIFLRELISNASDALDKIRLISLTDENALAGNEELTVKIKCDKEKNL
LHVTDTGVGMTREELVKNLGTIAKSGTSEFLNKMTEAQEDGQSTSELIGQFGVGFYSAFLVADKVIVTSKHNNDTQHIWE
SDSNEFSVIADPRGNTLGRGTTITLVLKEEASDYLELDTIKNLVKKYSQFINFPIYVWSSKTGGGGKTVWDWELMN
;
_entity_poly.pdbx_strand_id   C,B
#
loop_
_chem_comp.id
_chem_comp.type
_chem_comp.name
_chem_comp.formula
EDO non-polymer 1,2-ETHANEDIOL 'C2 H6 O2'
EQD non-polymer 5-[2-(1-benzyl-1H-imidazol-2-yl)ethyl]-4,6-dichlorobenzene-1,3-diol 'C18 H16 Cl2 N2 O2'
SO4 non-polymer 'SULFATE ION' 'O4 S -2'
#
# COMPACT_ATOMS: atom_id res chain seq x y z
N GLU A 10 -8.89 -12.75 25.29
CA GLU A 10 -7.94 -13.85 25.40
C GLU A 10 -6.73 -13.62 24.49
N LYS A 11 -7.02 -13.36 23.19
CA LYS A 11 -5.98 -13.30 22.17
C LYS A 11 -5.01 -12.15 22.44
N PHE A 12 -5.50 -10.91 22.42
CA PHE A 12 -4.66 -9.74 22.57
C PHE A 12 -4.77 -9.14 23.97
N ALA A 13 -4.47 -9.95 24.98
CA ALA A 13 -4.66 -9.51 26.36
C ALA A 13 -3.85 -8.26 26.68
N PHE A 14 -2.54 -8.29 26.41
CA PHE A 14 -1.70 -7.13 26.73
C PHE A 14 -2.07 -5.91 25.90
N GLN A 15 -2.43 -6.11 24.64
CA GLN A 15 -2.81 -4.97 23.81
C GLN A 15 -4.09 -4.33 24.33
N ALA A 16 -5.07 -5.15 24.70
CA ALA A 16 -6.34 -4.63 25.21
C ALA A 16 -6.15 -3.88 26.52
N GLU A 17 -5.22 -4.32 27.37
CA GLU A 17 -5.00 -3.59 28.61
C GLU A 17 -4.23 -2.30 28.38
N VAL A 18 -3.28 -2.28 27.44
CA VAL A 18 -2.65 -1.00 27.13
C VAL A 18 -3.68 -0.05 26.56
N ASN A 19 -4.64 -0.58 25.80
CA ASN A 19 -5.71 0.27 25.29
C ASN A 19 -6.58 0.81 26.42
N ARG A 20 -7.09 -0.09 27.28
CA ARG A 20 -7.94 0.33 28.39
C ARG A 20 -7.28 1.44 29.22
N MET A 21 -5.99 1.24 29.57
CA MET A 21 -5.31 2.19 30.44
C MET A 21 -5.04 3.52 29.74
N MET A 22 -4.67 3.51 28.45
CA MET A 22 -4.43 4.78 27.77
C MET A 22 -5.70 5.58 27.61
N LYS A 23 -6.81 4.93 27.24
CA LYS A 23 -8.07 5.65 27.15
C LYS A 23 -8.45 6.25 28.51
N LEU A 24 -8.28 5.46 29.58
CA LEU A 24 -8.65 5.91 30.91
C LEU A 24 -7.87 7.15 31.32
N ILE A 25 -6.55 7.10 31.16
CA ILE A 25 -5.69 8.20 31.58
C ILE A 25 -5.94 9.44 30.73
N ILE A 26 -6.08 9.27 29.42
CA ILE A 26 -6.16 10.49 28.61
C ILE A 26 -7.56 11.07 28.67
N ASN A 27 -8.59 10.23 28.87
CA ASN A 27 -9.91 10.77 29.14
C ASN A 27 -9.92 11.54 30.45
N SER A 28 -9.22 11.01 31.45
CA SER A 28 -9.13 11.71 32.73
C SER A 28 -8.40 13.04 32.57
N LEU A 29 -7.30 13.07 31.80
CA LEU A 29 -6.50 14.29 31.75
C LEU A 29 -7.09 15.39 30.88
N TYR A 30 -7.79 15.04 29.79
CA TYR A 30 -8.16 16.03 28.79
C TYR A 30 -9.66 16.28 28.67
N LYS A 31 -10.48 15.30 29.04
CA LYS A 31 -11.94 15.45 29.09
C LYS A 31 -12.54 15.91 27.77
N ASN A 32 -11.81 15.72 26.67
CA ASN A 32 -12.21 16.25 25.38
C ASN A 32 -11.76 15.26 24.33
N LYS A 33 -12.68 14.53 23.71
CA LYS A 33 -12.28 13.59 22.66
C LYS A 33 -11.53 14.29 21.53
N GLU A 34 -11.63 15.61 21.42
CA GLU A 34 -10.95 16.37 20.37
C GLU A 34 -9.44 16.40 20.54
N ILE A 35 -8.90 15.94 21.68
CA ILE A 35 -7.46 15.92 21.88
C ILE A 35 -6.74 15.23 20.72
N PHE A 36 -7.38 14.21 20.13
CA PHE A 36 -6.74 13.46 19.05
C PHE A 36 -6.26 14.39 17.94
N LEU A 37 -7.04 15.41 17.61
CA LEU A 37 -6.64 16.26 16.51
C LEU A 37 -5.63 17.31 16.94
N ARG A 38 -5.66 17.73 18.21
CA ARG A 38 -4.58 18.56 18.72
C ARG A 38 -3.26 17.84 18.58
N GLU A 39 -3.24 16.54 18.90
CA GLU A 39 -2.00 15.76 18.86
C GLU A 39 -1.58 15.50 17.43
N LEU A 40 -2.52 15.10 16.58
CA LEU A 40 -2.25 15.01 15.14
C LEU A 40 -1.52 16.24 14.63
N ILE A 41 -1.95 17.44 15.03
CA ILE A 41 -1.33 18.66 14.52
C ILE A 41 0.00 18.96 15.21
N SER A 42 0.12 18.70 16.51
CA SER A 42 1.37 18.99 17.19
C SER A 42 2.49 18.04 16.74
N ASN A 43 2.18 16.75 16.60
CA ASN A 43 3.22 15.80 16.19
C ASN A 43 3.69 16.08 14.77
N ALA A 44 2.76 16.51 13.89
CA ALA A 44 3.12 16.97 12.55
C ALA A 44 4.01 18.21 12.61
N SER A 45 3.72 19.16 13.49
CA SER A 45 4.62 20.31 13.67
C SER A 45 6.01 19.88 14.14
N ASP A 46 6.11 18.82 14.95
CA ASP A 46 7.41 18.36 15.40
C ASP A 46 8.21 17.72 14.28
N ALA A 47 7.56 16.89 13.46
CA ALA A 47 8.23 16.33 12.29
C ALA A 47 8.74 17.44 11.36
N LEU A 48 8.05 18.58 11.34
CA LEU A 48 8.45 19.69 10.48
C LEU A 48 9.61 20.46 11.09
N ASP A 49 9.61 20.67 12.40
CA ASP A 49 10.74 21.33 13.02
C ASP A 49 12.00 20.47 12.94
N LYS A 50 11.83 19.14 13.04
CA LYS A 50 12.97 18.24 12.94
C LYS A 50 13.66 18.39 11.59
N ILE A 51 12.88 18.34 10.50
CA ILE A 51 13.46 18.53 9.17
C ILE A 51 13.93 19.97 8.99
N ARG A 52 13.23 20.95 9.57
CA ARG A 52 13.69 22.32 9.47
C ARG A 52 15.09 22.48 10.07
N LEU A 53 15.27 22.02 11.32
CA LEU A 53 16.57 22.15 11.97
C LEU A 53 17.65 21.43 11.18
N ILE A 54 17.39 20.18 10.77
CA ILE A 54 18.34 19.43 9.97
C ILE A 54 18.80 20.25 8.76
N SER A 55 17.87 21.00 8.16
CA SER A 55 18.15 21.74 6.93
C SER A 55 19.09 22.91 7.13
N LEU A 56 19.39 23.31 8.38
CA LEU A 56 20.26 24.44 8.62
C LEU A 56 21.74 24.10 8.51
N THR A 57 22.09 22.82 8.39
CA THR A 57 23.48 22.41 8.25
C THR A 57 23.77 21.56 7.01
N ASP A 58 22.76 20.90 6.42
CA ASP A 58 22.87 20.31 5.09
C ASP A 58 22.04 21.13 4.12
N GLU A 59 22.71 21.77 3.16
CA GLU A 59 21.99 22.64 2.21
C GLU A 59 20.94 21.85 1.42
N ASN A 60 21.16 20.56 1.22
CA ASN A 60 20.36 19.76 0.28
C ASN A 60 19.44 18.76 0.98
N ALA A 61 18.90 19.13 2.14
CA ALA A 61 18.09 18.21 2.93
C ALA A 61 16.64 18.14 2.44
N LEU A 62 16.05 19.30 2.17
CA LEU A 62 14.69 19.39 1.65
C LEU A 62 14.59 19.05 0.15
N ALA A 63 15.58 18.34 -0.42
CA ALA A 63 15.60 18.04 -1.84
C ALA A 63 14.39 17.20 -2.29
N GLY A 64 13.97 16.24 -1.46
CA GLY A 64 12.86 15.37 -1.82
C GLY A 64 11.49 16.03 -1.84
N ASN A 65 11.40 17.27 -1.33
CA ASN A 65 10.16 18.03 -1.24
C ASN A 65 10.44 19.34 -0.50
N GLU A 66 10.28 20.47 -1.17
CA GLU A 66 10.82 21.73 -0.66
C GLU A 66 9.88 22.49 0.26
N GLU A 67 8.59 22.12 0.31
CA GLU A 67 7.61 22.80 1.13
C GLU A 67 7.59 22.23 2.55
N LEU A 68 7.20 23.06 3.51
CA LEU A 68 7.10 22.67 4.91
C LEU A 68 5.68 22.96 5.38
N THR A 69 4.77 21.98 5.23
CA THR A 69 3.36 22.24 5.47
C THR A 69 2.70 21.09 6.22
N VAL A 70 1.45 21.34 6.59
CA VAL A 70 0.50 20.33 7.03
C VAL A 70 -0.74 20.49 6.16
N LYS A 71 -1.25 19.39 5.62
CA LYS A 71 -2.40 19.43 4.71
C LYS A 71 -3.46 18.46 5.20
N ILE A 72 -4.65 18.97 5.48
CA ILE A 72 -5.73 18.19 6.07
C ILE A 72 -6.86 18.08 5.05
N LYS A 73 -7.14 16.85 4.59
CA LYS A 73 -8.19 16.56 3.62
C LYS A 73 -9.21 15.59 4.22
N CYS A 74 -10.49 15.94 4.14
CA CYS A 74 -11.56 15.04 4.56
C CYS A 74 -12.00 14.16 3.40
N ASP A 75 -12.83 13.19 3.74
CA ASP A 75 -13.36 12.25 2.77
C ASP A 75 -14.66 11.77 3.38
N LYS A 76 -15.63 12.70 3.52
CA LYS A 76 -16.92 12.38 4.13
C LYS A 76 -17.53 11.16 3.46
N GLU A 77 -17.20 10.96 2.19
CA GLU A 77 -17.73 9.85 1.40
C GLU A 77 -17.28 8.50 1.96
N LYS A 78 -15.98 8.31 2.18
CA LYS A 78 -15.43 7.02 2.60
C LYS A 78 -15.09 6.97 4.11
N ASN A 79 -15.50 7.98 4.88
CA ASN A 79 -15.24 8.19 6.32
C ASN A 79 -13.76 8.10 6.69
N LEU A 80 -12.92 8.79 5.91
CA LEU A 80 -11.49 8.91 6.16
C LEU A 80 -11.11 10.36 6.51
N LEU A 81 -10.16 10.50 7.43
CA LEU A 81 -9.56 11.79 7.74
C LEU A 81 -8.05 11.70 7.50
N HIS A 82 -7.50 12.62 6.70
CA HIS A 82 -6.09 12.60 6.32
C HIS A 82 -5.39 13.83 6.87
N VAL A 83 -4.25 13.64 7.52
CA VAL A 83 -3.35 14.73 7.87
C VAL A 83 -1.99 14.39 7.28
N THR A 84 -1.50 15.25 6.39
CA THR A 84 -0.25 14.99 5.67
C THR A 84 0.72 16.13 5.93
N ASP A 85 1.90 15.79 6.44
CA ASP A 85 2.97 16.75 6.65
C ASP A 85 4.16 16.33 5.80
N THR A 86 4.86 17.34 5.30
CA THR A 86 6.13 17.17 4.62
C THR A 86 7.31 17.30 5.58
N GLY A 87 7.16 16.77 6.80
CA GLY A 87 8.23 16.75 7.78
C GLY A 87 9.28 15.69 7.51
N VAL A 88 10.00 15.31 8.56
CA VAL A 88 11.17 14.47 8.38
C VAL A 88 10.80 13.06 7.94
N GLY A 89 9.59 12.61 8.24
CA GLY A 89 9.20 11.26 7.90
C GLY A 89 9.79 10.20 8.81
N MET A 90 9.61 8.96 8.40
CA MET A 90 10.03 7.82 9.19
C MET A 90 10.60 6.72 8.31
N THR A 91 11.61 6.05 8.82
CA THR A 91 12.15 4.87 8.15
C THR A 91 11.29 3.66 8.43
N ARG A 92 11.49 2.62 7.62
CA ARG A 92 10.80 1.36 7.89
C ARG A 92 11.13 0.82 9.28
N GLU A 93 12.36 1.05 9.76
CA GLU A 93 12.70 0.59 11.10
C GLU A 93 11.84 1.30 12.14
N GLU A 94 11.73 2.63 12.04
CA GLU A 94 10.89 3.35 13.00
C GLU A 94 9.44 2.87 12.94
N LEU A 95 8.91 2.70 11.73
CA LEU A 95 7.57 2.13 11.60
C LEU A 95 7.47 0.76 12.25
N VAL A 96 8.52 -0.05 12.20
CA VAL A 96 8.32 -1.38 12.77
C VAL A 96 8.48 -1.36 14.28
N LYS A 97 9.29 -0.44 14.82
CA LYS A 97 9.24 -0.21 16.26
C LYS A 97 7.87 0.35 16.66
N ASN A 98 7.35 1.27 15.85
CA ASN A 98 6.23 2.16 16.16
C ASN A 98 6.17 2.55 17.63
N LEU A 99 5.25 1.96 18.40
CA LEU A 99 5.12 2.29 19.82
C LEU A 99 5.60 1.22 20.76
N GLY A 100 5.95 0.04 20.25
CA GLY A 100 6.40 -1.04 21.10
C GLY A 100 5.30 -1.87 21.72
N THR A 101 4.05 -1.40 21.70
CA THR A 101 2.97 -2.11 22.35
C THR A 101 2.11 -2.91 21.40
N ILE A 102 2.10 -2.57 20.12
CA ILE A 102 1.33 -3.34 19.14
C ILE A 102 2.14 -4.55 18.69
N ALA A 103 1.47 -5.69 18.57
CA ALA A 103 2.12 -6.92 18.10
C ALA A 103 2.18 -6.96 16.58
N LYS A 104 3.23 -7.58 16.05
CA LYS A 104 3.29 -7.83 14.61
C LYS A 104 2.22 -8.85 14.22
N SER A 105 1.55 -8.59 13.10
CA SER A 105 0.34 -9.30 12.73
C SER A 105 0.55 -10.80 12.69
N GLY A 106 -0.36 -11.55 13.31
CA GLY A 106 -0.29 -12.99 13.37
C GLY A 106 0.74 -13.54 14.34
N THR A 107 0.67 -13.19 15.62
CA THR A 107 1.69 -13.56 16.61
C THR A 107 1.00 -14.07 17.89
N SER A 108 0.87 -15.39 17.97
CA SER A 108 0.35 -16.09 19.15
C SER A 108 1.46 -16.91 19.84
N GLN A 122 13.32 0.30 29.73
CA GLN A 122 12.67 -0.37 28.61
C GLN A 122 12.57 0.55 27.39
N SER A 123 13.13 0.13 26.24
CA SER A 123 13.08 0.97 25.03
C SER A 123 11.65 1.13 24.53
N THR A 124 10.82 0.09 24.69
CA THR A 124 9.42 0.19 24.30
C THR A 124 8.64 1.11 25.25
N SER A 125 8.98 1.11 26.53
CA SER A 125 8.37 2.03 27.49
C SER A 125 8.58 3.47 27.06
N GLU A 126 9.79 3.82 26.64
CA GLU A 126 10.05 5.21 26.28
C GLU A 126 9.36 5.59 24.98
N LEU A 127 8.89 4.60 24.22
CA LEU A 127 8.14 4.88 23.01
C LEU A 127 6.75 5.41 23.35
N ILE A 128 6.06 4.74 24.29
CA ILE A 128 4.77 5.22 24.77
C ILE A 128 4.90 6.59 25.41
N GLY A 129 6.02 6.83 26.10
CA GLY A 129 6.27 8.17 26.63
C GLY A 129 6.13 9.25 25.58
N GLN A 130 6.77 9.07 24.43
CA GLN A 130 6.84 10.16 23.46
C GLN A 130 5.53 10.33 22.68
N PHE A 131 4.94 9.22 22.18
CA PHE A 131 3.85 9.30 21.22
C PHE A 131 2.57 8.58 21.62
N GLY A 132 2.49 8.05 22.84
CA GLY A 132 1.33 7.25 23.20
C GLY A 132 0.04 8.05 23.27
N VAL A 133 0.11 9.27 23.81
CA VAL A 133 -1.08 10.11 23.87
C VAL A 133 -1.59 10.38 22.46
N GLY A 134 -0.68 10.73 21.55
CA GLY A 134 -1.09 11.05 20.20
C GLY A 134 -1.66 9.85 19.48
N PHE A 135 -1.15 8.67 19.76
CA PHE A 135 -1.60 7.51 19.02
C PHE A 135 -2.89 6.97 19.59
N TYR A 136 -2.96 6.81 20.92
CA TYR A 136 -4.11 6.13 21.49
C TYR A 136 -5.33 7.05 21.54
N SER A 137 -5.12 8.38 21.59
CA SER A 137 -6.26 9.29 21.47
C SER A 137 -6.99 9.13 20.13
N ALA A 138 -6.26 8.74 19.09
CA ALA A 138 -6.89 8.46 17.81
C ALA A 138 -7.89 7.32 17.89
N PHE A 139 -7.87 6.51 18.93
CA PHE A 139 -8.83 5.42 19.04
C PHE A 139 -10.05 5.76 19.89
N LEU A 140 -10.07 6.95 20.50
CA LEU A 140 -11.33 7.51 20.98
C LEU A 140 -12.30 7.77 19.84
N VAL A 141 -11.81 7.88 18.61
CA VAL A 141 -12.52 8.57 17.54
C VAL A 141 -12.45 7.70 16.29
N ALA A 142 -11.60 6.68 16.30
CA ALA A 142 -11.43 5.89 15.09
C ALA A 142 -11.14 4.44 15.44
N ASP A 143 -11.29 3.58 14.43
CA ASP A 143 -11.17 2.14 14.56
C ASP A 143 -9.93 1.56 13.88
N LYS A 144 -9.16 2.38 13.15
CA LYS A 144 -7.95 1.93 12.47
C LYS A 144 -7.14 3.16 12.09
N VAL A 145 -5.81 3.03 12.11
CA VAL A 145 -4.90 4.13 11.82
C VAL A 145 -3.93 3.66 10.75
N ILE A 146 -3.74 4.47 9.72
CA ILE A 146 -2.81 4.16 8.63
C ILE A 146 -1.76 5.26 8.54
N VAL A 147 -0.49 4.86 8.59
CA VAL A 147 0.62 5.79 8.48
C VAL A 147 1.35 5.47 7.20
N THR A 148 1.46 6.46 6.32
CA THR A 148 2.26 6.39 5.10
C THR A 148 3.43 7.35 5.29
N SER A 149 4.65 6.85 5.17
CA SER A 149 5.78 7.71 5.46
C SER A 149 6.89 7.52 4.43
N LYS A 150 7.70 8.57 4.30
CA LYS A 150 8.91 8.56 3.48
C LYS A 150 9.97 9.36 4.19
N HIS A 151 11.10 8.72 4.53
CA HIS A 151 12.24 9.36 5.18
C HIS A 151 13.35 9.59 4.16
N ASN A 152 14.16 10.64 4.38
CA ASN A 152 15.35 10.83 3.58
C ASN A 152 16.22 9.58 3.67
N ASN A 153 16.51 8.99 2.50
CA ASN A 153 17.34 7.78 2.37
C ASN A 153 16.59 6.52 2.87
N ASP A 154 15.36 6.36 2.41
CA ASP A 154 14.60 5.12 2.60
C ASP A 154 13.40 5.15 1.66
N THR A 155 13.02 3.97 1.19
CA THR A 155 11.74 3.67 0.58
C THR A 155 10.56 4.23 1.38
N GLN A 156 9.42 4.37 0.71
CA GLN A 156 8.17 4.75 1.32
C GLN A 156 7.33 3.51 1.67
N HIS A 157 6.72 3.52 2.85
CA HIS A 157 5.98 2.38 3.36
C HIS A 157 4.61 2.81 3.86
N ILE A 158 3.70 1.83 3.90
CA ILE A 158 2.37 1.96 4.48
C ILE A 158 2.32 1.11 5.73
N TRP A 159 1.91 1.71 6.85
CA TRP A 159 1.77 1.04 8.12
C TRP A 159 0.32 1.14 8.57
N GLU A 160 -0.25 0.04 9.05
CA GLU A 160 -1.64 0.06 9.47
C GLU A 160 -1.77 -0.73 10.76
N SER A 161 -2.66 -0.25 11.64
CA SER A 161 -2.89 -0.94 12.89
C SER A 161 -4.28 -0.63 13.40
N ASP A 162 -4.84 -1.61 14.12
CA ASP A 162 -6.08 -1.46 14.86
C ASP A 162 -5.84 -1.50 16.38
N SER A 163 -4.61 -1.17 16.79
CA SER A 163 -4.06 -1.11 18.14
C SER A 163 -3.78 -2.52 18.70
N ASN A 164 -4.20 -3.59 18.04
CA ASN A 164 -3.82 -4.94 18.42
C ASN A 164 -2.65 -5.45 17.58
N GLU A 165 -2.86 -5.63 16.28
CA GLU A 165 -1.86 -6.09 15.33
C GLU A 165 -1.40 -4.93 14.47
N PHE A 166 -0.29 -5.14 13.76
CA PHE A 166 0.14 -4.16 12.76
C PHE A 166 0.92 -4.86 11.66
N SER A 167 0.78 -4.34 10.45
CA SER A 167 1.52 -4.84 9.29
C SER A 167 2.11 -3.64 8.55
N VAL A 168 3.27 -3.84 7.94
CA VAL A 168 3.88 -2.78 7.15
C VAL A 168 4.39 -3.38 5.84
N ILE A 169 4.17 -2.63 4.74
CA ILE A 169 4.55 -3.02 3.38
C ILE A 169 5.26 -1.86 2.71
N ALA A 170 6.00 -2.19 1.66
CA ALA A 170 6.48 -1.16 0.75
C ALA A 170 5.29 -0.64 -0.05
N ASP A 171 5.29 0.66 -0.33
CA ASP A 171 4.19 1.25 -1.07
C ASP A 171 4.31 0.85 -2.55
N PRO A 172 3.28 0.28 -3.16
CA PRO A 172 3.39 -0.01 -4.60
C PRO A 172 3.45 1.25 -5.45
N ARG A 173 2.89 2.37 -4.98
CA ARG A 173 2.92 3.60 -5.76
C ARG A 173 4.31 4.22 -5.79
N GLY A 174 5.24 3.72 -4.99
CA GLY A 174 6.56 4.32 -4.94
C GLY A 174 6.60 5.58 -4.09
N ASN A 175 7.67 6.35 -4.32
CA ASN A 175 7.98 7.59 -3.61
C ASN A 175 7.02 8.71 -3.99
N THR A 176 5.78 8.66 -3.50
CA THR A 176 4.78 9.65 -3.89
C THR A 176 4.70 10.85 -2.95
N LEU A 177 5.25 10.74 -1.73
CA LEU A 177 5.32 11.89 -0.82
C LEU A 177 6.61 12.69 -0.98
N GLY A 178 7.67 12.11 -1.56
CA GLY A 178 8.94 12.79 -1.67
C GLY A 178 9.70 12.89 -0.37
N ARG A 179 9.04 13.42 0.67
CA ARG A 179 9.46 13.29 2.05
C ARG A 179 8.29 13.66 2.94
N GLY A 180 8.07 12.88 4.02
CA GLY A 180 7.12 13.21 5.06
C GLY A 180 6.19 12.04 5.36
N THR A 181 5.02 12.38 5.93
CA THR A 181 4.15 11.40 6.56
C THR A 181 2.68 11.76 6.30
N THR A 182 1.85 10.73 6.17
CA THR A 182 0.40 10.86 6.09
C THR A 182 -0.24 9.97 7.14
N ILE A 183 -0.90 10.56 8.10
CA ILE A 183 -1.73 9.80 9.03
C ILE A 183 -3.16 9.76 8.49
N THR A 184 -3.80 8.60 8.56
CA THR A 184 -5.13 8.41 7.99
C THR A 184 -5.98 7.66 9.00
N LEU A 185 -7.01 8.33 9.52
CA LEU A 185 -7.90 7.72 10.51
C LEU A 185 -9.19 7.23 9.84
N VAL A 186 -9.43 5.93 9.91
CA VAL A 186 -10.73 5.31 9.57
C VAL A 186 -11.65 5.52 10.76
N LEU A 187 -12.58 6.47 10.69
CA LEU A 187 -13.26 6.90 11.91
C LEU A 187 -14.39 5.95 12.29
N LYS A 188 -14.62 5.86 13.61
CA LYS A 188 -15.80 5.20 14.13
C LYS A 188 -17.04 5.89 13.56
N GLU A 189 -18.17 5.16 13.54
CA GLU A 189 -19.42 5.80 13.13
C GLU A 189 -19.81 6.91 14.10
N GLU A 190 -19.65 6.67 15.41
CA GLU A 190 -19.99 7.63 16.45
C GLU A 190 -19.39 9.02 16.21
N ALA A 191 -18.32 9.11 15.42
CA ALA A 191 -17.57 10.35 15.25
C ALA A 191 -17.58 10.85 13.80
N SER A 192 -18.51 10.38 12.98
CA SER A 192 -18.60 10.83 11.60
C SER A 192 -18.74 12.35 11.47
N ASP A 193 -19.17 13.01 12.55
CA ASP A 193 -19.36 14.45 12.51
C ASP A 193 -18.08 15.17 12.04
N TYR A 194 -16.93 14.79 12.57
CA TYR A 194 -15.68 15.52 12.38
C TYR A 194 -15.34 15.77 10.91
N LEU A 195 -16.07 15.18 9.97
CA LEU A 195 -15.76 15.24 8.54
C LEU A 195 -16.48 16.34 7.78
N GLU A 196 -17.49 16.99 8.37
CA GLU A 196 -18.21 18.02 7.65
C GLU A 196 -17.33 19.26 7.60
N LEU A 197 -17.06 19.73 6.38
CA LEU A 197 -15.97 20.67 6.13
C LEU A 197 -16.12 21.94 6.95
N ASP A 198 -17.34 22.23 7.42
CA ASP A 198 -17.53 23.42 8.27
C ASP A 198 -16.84 23.24 9.61
N THR A 199 -17.29 22.27 10.41
CA THR A 199 -16.78 22.12 11.78
C THR A 199 -15.32 21.66 11.83
N ILE A 200 -14.84 20.97 10.78
CA ILE A 200 -13.42 20.61 10.75
C ILE A 200 -12.55 21.86 10.63
N LYS A 201 -12.97 22.85 9.84
CA LYS A 201 -12.26 24.12 9.77
C LYS A 201 -12.23 24.82 11.13
N ASN A 202 -13.27 24.63 11.93
CA ASN A 202 -13.35 25.33 13.22
C ASN A 202 -12.29 24.81 14.17
N LEU A 203 -12.17 23.49 14.25
CA LEU A 203 -11.25 22.88 15.22
C LEU A 203 -9.80 23.03 14.79
N VAL A 204 -9.53 23.07 13.48
CA VAL A 204 -8.17 23.31 13.03
C VAL A 204 -7.78 24.76 13.30
N LYS A 205 -8.64 25.71 12.93
CA LYS A 205 -8.43 27.12 13.30
C LYS A 205 -8.12 27.24 14.78
N LYS A 206 -8.84 26.50 15.63
CA LYS A 206 -8.65 26.49 17.07
C LYS A 206 -7.29 25.96 17.48
N TYR A 207 -7.02 24.68 17.21
CA TYR A 207 -5.86 23.99 17.78
C TYR A 207 -4.57 24.29 17.04
N SER A 208 -4.60 25.13 16.02
CA SER A 208 -3.41 25.43 15.22
C SER A 208 -3.18 26.92 15.08
N GLN A 209 -3.88 27.76 15.84
CA GLN A 209 -3.63 29.19 15.77
C GLN A 209 -2.19 29.55 16.14
N PHE A 210 -1.43 28.61 16.75
CA PHE A 210 -0.14 28.94 17.35
C PHE A 210 0.98 27.97 16.92
N ILE A 211 0.89 27.43 15.69
CA ILE A 211 1.92 26.54 15.12
C ILE A 211 2.78 27.36 14.16
N ASN A 212 4.09 27.08 14.12
CA ASN A 212 5.00 27.87 13.29
C ASN A 212 5.19 27.27 11.90
N PHE A 213 4.11 26.77 11.30
CA PHE A 213 4.08 26.18 9.96
C PHE A 213 2.66 26.31 9.42
N PRO A 214 2.48 26.46 8.11
CA PRO A 214 1.13 26.61 7.54
C PRO A 214 0.33 25.31 7.55
N ILE A 215 -0.93 25.39 7.99
CA ILE A 215 -1.86 24.26 7.99
C ILE A 215 -2.99 24.59 7.02
N TYR A 216 -3.14 23.76 5.98
CA TYR A 216 -4.17 23.96 4.99
C TYR A 216 -5.29 22.92 5.16
N VAL A 217 -6.49 23.30 4.75
CA VAL A 217 -7.64 22.38 4.73
C VAL A 217 -8.24 22.41 3.34
N TRP A 218 -8.54 21.22 2.81
CA TRP A 218 -9.23 21.07 1.53
C TRP A 218 -10.67 21.52 1.73
N SER A 219 -10.95 22.76 1.38
CA SER A 219 -12.27 23.34 1.43
C SER A 219 -12.67 23.79 0.02
N SER A 220 -13.89 24.31 -0.09
CA SER A 220 -14.44 24.75 -1.35
C SER A 220 -14.90 26.19 -1.25
N LYS A 221 -14.96 26.85 -2.41
CA LYS A 221 -15.51 28.19 -2.58
C LYS A 221 -16.41 28.19 -3.80
N THR A 222 -16.97 29.38 -4.12
CA THR A 222 -17.72 29.62 -5.34
C THR A 222 -17.14 30.87 -6.01
N GLY A 223 -16.51 30.72 -7.19
CA GLY A 223 -15.76 31.79 -7.84
C GLY A 223 -16.30 32.31 -9.16
N GLY A 224 -17.13 31.50 -9.81
CA GLY A 224 -17.95 31.94 -10.92
C GLY A 224 -19.31 31.31 -10.82
N GLY A 225 -20.16 31.63 -11.79
CA GLY A 225 -21.45 30.96 -11.90
C GLY A 225 -21.32 29.56 -12.46
N GLY A 226 -21.38 28.56 -11.60
CA GLY A 226 -21.17 27.18 -12.04
C GLY A 226 -20.72 26.32 -10.86
N LYS A 227 -19.82 25.39 -11.15
CA LYS A 227 -19.39 24.44 -10.14
C LYS A 227 -18.60 25.14 -9.03
N THR A 228 -18.51 24.46 -7.88
CA THR A 228 -17.59 24.84 -6.82
C THR A 228 -16.26 24.15 -7.07
N VAL A 229 -15.17 24.76 -6.60
CA VAL A 229 -13.84 24.23 -6.83
C VAL A 229 -13.15 23.99 -5.48
N TRP A 230 -12.41 22.89 -5.40
CA TRP A 230 -11.63 22.54 -4.22
C TRP A 230 -10.18 22.95 -4.39
N ASP A 231 -9.58 23.41 -3.30
CA ASP A 231 -8.18 23.80 -3.26
C ASP A 231 -7.80 24.01 -1.80
N TRP A 232 -6.53 24.36 -1.57
CA TRP A 232 -5.98 24.47 -0.24
C TRP A 232 -6.37 25.81 0.37
N GLU A 233 -7.23 25.78 1.38
CA GLU A 233 -7.51 26.95 2.21
C GLU A 233 -6.55 26.98 3.39
N LEU A 234 -5.99 28.15 3.69
CA LEU A 234 -5.05 28.32 4.78
C LEU A 234 -5.76 28.78 6.06
N MET A 235 -5.28 28.31 7.22
CA MET A 235 -6.00 28.50 8.49
C MET A 235 -5.19 29.15 9.62
N ASN A 236 -3.93 29.54 9.38
CA ASN A 236 -3.11 30.12 10.46
C ASN A 236 -2.25 31.30 10.02
N ARG B 6 -3.40 -42.07 5.51
CA ARG B 6 -2.42 -40.99 5.58
C ARG B 6 -1.31 -41.17 4.55
N GLU B 7 -1.59 -40.80 3.30
CA GLU B 7 -0.67 -41.06 2.19
C GLU B 7 0.71 -40.46 2.45
N LYS B 8 0.78 -39.12 2.58
CA LYS B 8 2.02 -38.38 2.84
C LYS B 8 3.02 -38.47 1.68
N SER B 9 2.51 -38.54 0.44
CA SER B 9 3.34 -38.54 -0.75
C SER B 9 3.26 -37.23 -1.52
N GLU B 10 2.85 -36.14 -0.86
CA GLU B 10 2.90 -34.84 -1.51
C GLU B 10 4.33 -34.30 -1.57
N LYS B 11 5.14 -34.53 -0.51
CA LYS B 11 6.55 -34.10 -0.54
C LYS B 11 7.36 -34.80 -1.65
N PHE B 12 6.71 -35.60 -2.50
CA PHE B 12 7.26 -36.06 -3.77
C PHE B 12 6.85 -35.14 -4.92
N ALA B 13 5.56 -34.76 -4.97
CA ALA B 13 5.10 -33.85 -6.01
C ALA B 13 5.62 -32.44 -5.79
N PHE B 14 5.66 -31.99 -4.54
CA PHE B 14 6.37 -30.77 -4.18
C PHE B 14 7.81 -30.78 -4.70
N GLN B 15 8.54 -31.88 -4.45
CA GLN B 15 9.89 -32.00 -4.99
C GLN B 15 9.90 -31.93 -6.51
N ALA B 16 8.95 -32.59 -7.17
CA ALA B 16 8.94 -32.58 -8.62
C ALA B 16 8.66 -31.18 -9.14
N GLU B 17 7.63 -30.52 -8.60
CA GLU B 17 7.34 -29.15 -8.99
C GLU B 17 8.50 -28.21 -8.69
N VAL B 18 9.13 -28.35 -7.51
CA VAL B 18 10.31 -27.54 -7.23
C VAL B 18 11.37 -27.76 -8.30
N ASN B 19 11.58 -29.02 -8.71
CA ASN B 19 12.64 -29.29 -9.69
C ASN B 19 12.29 -28.75 -11.06
N ARG B 20 11.01 -28.85 -11.48
CA ARG B 20 10.62 -28.23 -12.74
C ARG B 20 10.88 -26.73 -12.68
N MET B 21 10.63 -26.13 -11.53
CA MET B 21 10.75 -24.69 -11.36
C MET B 21 12.19 -24.23 -11.52
N MET B 22 13.11 -24.91 -10.85
CA MET B 22 14.52 -24.55 -10.97
C MET B 22 15.04 -24.76 -12.39
N LYS B 23 14.68 -25.89 -13.01
CA LYS B 23 15.02 -26.11 -14.42
C LYS B 23 14.72 -24.85 -15.23
N LEU B 24 13.45 -24.38 -15.18
CA LEU B 24 13.05 -23.28 -16.04
C LEU B 24 13.70 -21.97 -15.65
N ILE B 25 13.80 -21.68 -14.34
CA ILE B 25 14.35 -20.39 -13.96
C ILE B 25 15.82 -20.29 -14.35
N ILE B 26 16.58 -21.38 -14.17
CA ILE B 26 17.98 -21.37 -14.60
C ILE B 26 18.07 -21.39 -16.12
N ASN B 27 17.24 -22.20 -16.80
CA ASN B 27 17.12 -22.13 -18.26
C ASN B 27 16.99 -20.67 -18.72
N SER B 28 16.02 -19.94 -18.16
CA SER B 28 15.86 -18.54 -18.54
C SER B 28 17.05 -17.69 -18.17
N LEU B 29 17.72 -17.99 -17.06
CA LEU B 29 18.85 -17.15 -16.65
C LEU B 29 20.03 -17.28 -17.62
N TYR B 30 20.18 -18.43 -18.28
CA TYR B 30 21.16 -18.57 -19.36
C TYR B 30 20.95 -17.51 -20.44
N LYS B 31 19.76 -17.48 -21.03
CA LYS B 31 19.50 -16.68 -22.22
C LYS B 31 18.83 -15.34 -21.90
N ASN B 32 17.50 -15.34 -21.96
CA ASN B 32 16.70 -14.12 -21.98
C ASN B 32 16.84 -13.34 -20.68
N LYS B 33 16.51 -13.99 -19.56
CA LYS B 33 16.06 -13.50 -18.26
C LYS B 33 14.56 -13.19 -18.34
N GLU B 34 13.90 -13.43 -19.48
CA GLU B 34 12.58 -12.89 -19.77
C GLU B 34 11.42 -13.74 -19.23
N ILE B 35 11.68 -14.85 -18.55
CA ILE B 35 10.58 -15.75 -18.19
C ILE B 35 9.64 -15.08 -17.20
N PHE B 36 10.12 -14.11 -16.42
CA PHE B 36 9.25 -13.43 -15.48
C PHE B 36 8.14 -12.72 -16.23
N LEU B 37 8.44 -12.16 -17.39
CA LEU B 37 7.43 -11.44 -18.15
C LEU B 37 6.45 -12.40 -18.83
N ARG B 38 6.97 -13.50 -19.39
CA ARG B 38 6.14 -14.58 -19.90
C ARG B 38 5.11 -15.00 -18.85
N GLU B 39 5.59 -15.32 -17.64
CA GLU B 39 4.70 -15.77 -16.58
C GLU B 39 3.76 -14.67 -16.11
N LEU B 40 4.21 -13.41 -16.12
CA LEU B 40 3.34 -12.31 -15.73
C LEU B 40 2.14 -12.19 -16.66
N ILE B 41 2.38 -12.32 -17.97
CA ILE B 41 1.28 -12.27 -18.95
C ILE B 41 0.43 -13.52 -18.87
N SER B 42 1.07 -14.69 -18.72
CA SER B 42 0.34 -15.95 -18.65
C SER B 42 -0.64 -15.95 -17.47
N ASN B 43 -0.14 -15.67 -16.27
CA ASN B 43 -0.99 -15.74 -15.10
C ASN B 43 -2.09 -14.67 -15.13
N ALA B 44 -1.79 -13.49 -15.69
CA ALA B 44 -2.86 -12.52 -15.91
C ALA B 44 -3.94 -13.09 -16.83
N SER B 45 -3.54 -13.66 -17.97
CA SER B 45 -4.51 -14.25 -18.88
C SER B 45 -5.31 -15.35 -18.19
N ASP B 46 -4.67 -16.15 -17.34
CA ASP B 46 -5.43 -17.21 -16.70
C ASP B 46 -6.48 -16.63 -15.74
N ALA B 47 -6.21 -15.48 -15.13
CA ALA B 47 -7.19 -14.87 -14.23
C ALA B 47 -8.30 -14.18 -15.00
N LEU B 48 -8.00 -13.64 -16.19
CA LEU B 48 -9.06 -13.24 -17.11
C LEU B 48 -9.86 -14.44 -17.58
N ASP B 49 -9.17 -15.54 -17.94
CA ASP B 49 -9.89 -16.76 -18.32
C ASP B 49 -10.79 -17.25 -17.19
N LYS B 50 -10.39 -17.02 -15.93
CA LYS B 50 -11.17 -17.55 -14.82
C LYS B 50 -12.47 -16.78 -14.64
N ILE B 51 -12.42 -15.46 -14.66
CA ILE B 51 -13.65 -14.76 -14.35
C ILE B 51 -14.60 -14.70 -15.54
N ARG B 52 -14.07 -14.75 -16.78
CA ARG B 52 -14.95 -14.92 -17.92
C ARG B 52 -15.72 -16.22 -17.80
N LEU B 53 -15.08 -17.23 -17.21
CA LEU B 53 -15.68 -18.55 -16.96
C LEU B 53 -16.63 -18.55 -15.77
N ILE B 54 -16.50 -17.58 -14.87
CA ILE B 54 -17.47 -17.44 -13.79
C ILE B 54 -18.67 -16.62 -14.25
N SER B 55 -18.51 -15.80 -15.29
CA SER B 55 -19.60 -15.03 -15.89
C SER B 55 -20.62 -15.88 -16.63
N LEU B 56 -20.43 -17.20 -16.67
CA LEU B 56 -21.37 -18.12 -17.31
C LEU B 56 -22.20 -18.91 -16.31
N THR B 57 -22.09 -18.60 -15.03
CA THR B 57 -23.07 -19.01 -14.02
C THR B 57 -23.50 -17.87 -13.11
N ASP B 58 -22.64 -16.90 -12.86
CA ASP B 58 -22.98 -15.62 -12.25
C ASP B 58 -23.19 -14.61 -13.38
N GLU B 59 -24.15 -13.71 -13.19
CA GLU B 59 -24.35 -12.60 -14.12
C GLU B 59 -23.85 -11.27 -13.57
N ASN B 60 -23.84 -11.11 -12.25
CA ASN B 60 -23.27 -9.94 -11.60
C ASN B 60 -21.75 -9.94 -11.62
N ALA B 61 -21.11 -11.01 -12.13
CA ALA B 61 -19.67 -11.16 -11.98
C ALA B 61 -18.91 -9.98 -12.59
N LEU B 62 -19.33 -9.51 -13.76
CA LEU B 62 -18.77 -8.28 -14.35
C LEU B 62 -19.63 -7.10 -13.90
N ALA B 63 -19.37 -6.65 -12.67
CA ALA B 63 -19.99 -5.45 -12.13
C ALA B 63 -19.00 -4.49 -11.49
N GLY B 64 -17.73 -4.88 -11.32
CA GLY B 64 -16.67 -3.96 -10.93
C GLY B 64 -15.84 -3.48 -12.12
N ASN B 65 -16.01 -4.15 -13.26
CA ASN B 65 -15.41 -3.81 -14.54
C ASN B 65 -16.12 -4.63 -15.62
N GLU B 66 -16.12 -4.09 -16.83
CA GLU B 66 -16.62 -4.83 -17.98
C GLU B 66 -15.52 -5.18 -18.97
N GLU B 67 -14.47 -4.35 -19.04
CA GLU B 67 -13.32 -4.66 -19.87
C GLU B 67 -12.60 -5.89 -19.35
N LEU B 68 -11.97 -6.62 -20.27
CA LEU B 68 -11.15 -7.77 -19.94
C LEU B 68 -9.77 -7.53 -20.54
N THR B 69 -8.90 -6.84 -19.79
CA THR B 69 -7.66 -6.29 -20.34
C THR B 69 -6.47 -6.61 -19.46
N VAL B 70 -5.29 -6.64 -20.07
CA VAL B 70 -4.03 -6.51 -19.35
C VAL B 70 -3.42 -5.15 -19.72
N LYS B 71 -3.07 -4.35 -18.72
CA LYS B 71 -2.49 -3.04 -18.93
C LYS B 71 -1.14 -2.96 -18.22
N ILE B 72 -0.09 -2.69 -18.99
CA ILE B 72 1.29 -2.68 -18.49
C ILE B 72 1.79 -1.24 -18.54
N LYS B 73 2.23 -0.71 -17.40
CA LYS B 73 2.71 0.66 -17.30
C LYS B 73 4.10 0.66 -16.68
N CYS B 74 5.01 1.44 -17.28
CA CYS B 74 6.34 1.65 -16.70
C CYS B 74 6.46 3.01 -16.05
N ASP B 75 7.21 3.03 -14.95
CA ASP B 75 7.55 4.19 -14.15
C ASP B 75 9.07 4.30 -14.20
N LYS B 76 9.59 4.83 -15.31
CA LYS B 76 11.04 4.92 -15.50
C LYS B 76 11.71 5.59 -14.31
N GLU B 77 11.15 6.70 -13.85
CA GLU B 77 11.75 7.48 -12.78
C GLU B 77 11.83 6.67 -11.48
N LYS B 78 10.71 6.09 -11.04
CA LYS B 78 10.66 5.35 -9.79
C LYS B 78 11.23 3.93 -9.91
N ASN B 79 11.40 3.41 -11.13
CA ASN B 79 11.94 2.07 -11.39
C ASN B 79 10.97 0.95 -10.99
N LEU B 80 9.68 1.14 -11.29
CA LEU B 80 8.67 0.12 -11.08
C LEU B 80 8.12 -0.42 -12.40
N LEU B 81 7.64 -1.65 -12.34
CA LEU B 81 6.91 -2.28 -13.44
C LEU B 81 5.52 -2.67 -12.95
N HIS B 82 4.50 -2.26 -13.69
CA HIS B 82 3.12 -2.52 -13.33
C HIS B 82 2.47 -3.39 -14.40
N VAL B 83 1.83 -4.48 -13.99
CA VAL B 83 0.99 -5.29 -14.88
C VAL B 83 -0.37 -5.42 -14.22
N THR B 84 -1.37 -4.72 -14.76
CA THR B 84 -2.71 -4.70 -14.19
C THR B 84 -3.67 -5.49 -15.07
N ASP B 85 -4.50 -6.32 -14.46
CA ASP B 85 -5.54 -7.03 -15.18
C ASP B 85 -6.88 -6.88 -14.44
N THR B 86 -7.94 -7.18 -15.17
CA THR B 86 -9.30 -7.07 -14.68
C THR B 86 -9.91 -8.46 -14.53
N GLY B 87 -9.09 -9.41 -14.11
CA GLY B 87 -9.51 -10.78 -13.90
C GLY B 87 -10.20 -10.96 -12.56
N VAL B 88 -10.28 -12.22 -12.13
CA VAL B 88 -11.07 -12.60 -10.97
C VAL B 88 -10.64 -11.87 -9.70
N GLY B 89 -9.35 -11.54 -9.58
CA GLY B 89 -8.84 -10.94 -8.35
C GLY B 89 -8.63 -11.94 -7.24
N MET B 90 -8.26 -11.42 -6.06
CA MET B 90 -7.92 -12.24 -4.91
C MET B 90 -8.42 -11.62 -3.61
N THR B 91 -9.11 -12.46 -2.83
CA THR B 91 -9.54 -12.14 -1.48
C THR B 91 -8.35 -12.15 -0.52
N ARG B 92 -8.49 -11.45 0.61
CA ARG B 92 -7.44 -11.46 1.63
C ARG B 92 -7.04 -12.89 1.97
N GLU B 93 -8.01 -13.79 1.99
CA GLU B 93 -7.72 -15.20 2.28
C GLU B 93 -6.69 -15.75 1.30
N GLU B 94 -7.01 -15.71 0.00
CA GLU B 94 -6.12 -16.24 -1.04
C GLU B 94 -4.74 -15.58 -1.01
N LEU B 95 -4.66 -14.30 -0.66
CA LEU B 95 -3.39 -13.60 -0.60
C LEU B 95 -2.48 -14.13 0.51
N VAL B 96 -3.05 -14.58 1.64
CA VAL B 96 -2.16 -15.07 2.71
C VAL B 96 -1.74 -16.50 2.43
N LYS B 97 -2.56 -17.27 1.72
CA LYS B 97 -2.12 -18.60 1.30
C LYS B 97 -1.03 -18.47 0.26
N ASN B 98 -1.07 -17.38 -0.51
CA ASN B 98 -0.16 -17.06 -1.61
C ASN B 98 0.16 -18.30 -2.45
N LEU B 99 1.42 -18.74 -2.52
CA LEU B 99 1.72 -20.00 -3.19
C LEU B 99 2.13 -21.11 -2.23
N GLY B 100 1.79 -21.00 -0.95
CA GLY B 100 2.04 -22.05 0.02
C GLY B 100 3.39 -21.96 0.70
N THR B 101 4.28 -21.10 0.21
CA THR B 101 5.69 -21.12 0.58
C THR B 101 6.15 -19.89 1.34
N ILE B 102 5.42 -18.78 1.28
CA ILE B 102 5.80 -17.52 1.89
C ILE B 102 4.97 -17.33 3.15
N ALA B 103 5.65 -17.19 4.29
CA ALA B 103 5.01 -17.04 5.59
C ALA B 103 5.02 -15.57 6.05
N LYS B 104 4.16 -15.25 7.03
CA LYS B 104 4.00 -13.85 7.45
C LYS B 104 5.27 -13.31 8.10
N SER B 105 5.51 -12.01 7.91
CA SER B 105 6.70 -11.36 8.45
C SER B 105 6.82 -11.60 9.94
N GLY B 106 7.97 -12.11 10.37
CA GLY B 106 8.27 -12.31 11.76
C GLY B 106 8.12 -13.74 12.25
N THR B 107 7.36 -14.59 11.56
CA THR B 107 7.26 -16.00 11.95
C THR B 107 8.24 -16.86 11.16
N SER B 108 9.03 -17.67 11.89
CA SER B 108 9.70 -18.83 11.33
C SER B 108 9.81 -19.89 12.43
N GLU B 109 8.70 -20.60 12.64
CA GLU B 109 8.52 -21.56 13.72
C GLU B 109 7.53 -22.63 13.27
N ASP B 120 -7.36 -29.08 5.21
CA ASP B 120 -6.45 -28.04 4.75
C ASP B 120 -7.09 -27.22 3.64
N GLY B 121 -6.44 -27.20 2.48
CA GLY B 121 -6.94 -26.51 1.29
C GLY B 121 -6.31 -27.06 0.02
N GLN B 122 -5.93 -26.18 -0.90
CA GLN B 122 -5.19 -26.60 -2.08
C GLN B 122 -3.70 -26.74 -1.76
N SER B 123 -3.11 -27.86 -2.18
CA SER B 123 -1.81 -28.27 -1.64
C SER B 123 -0.68 -27.41 -2.19
N THR B 124 0.30 -27.14 -1.32
CA THR B 124 1.46 -26.35 -1.73
C THR B 124 2.07 -26.86 -3.02
N SER B 125 1.98 -28.17 -3.27
CA SER B 125 2.48 -28.74 -4.53
C SER B 125 1.85 -28.06 -5.74
N GLU B 126 0.51 -28.05 -5.81
CA GLU B 126 -0.10 -27.59 -7.05
C GLU B 126 -0.03 -26.08 -7.20
N LEU B 127 0.07 -25.32 -6.09
CA LEU B 127 0.33 -23.89 -6.19
C LEU B 127 1.69 -23.62 -6.82
N ILE B 128 2.74 -24.28 -6.32
CA ILE B 128 4.09 -24.14 -6.88
C ILE B 128 4.07 -24.46 -8.37
N GLY B 129 3.25 -25.42 -8.77
CA GLY B 129 3.20 -25.82 -10.16
C GLY B 129 2.73 -24.71 -11.07
N GLN B 130 1.72 -23.96 -10.67
CA GLN B 130 1.23 -22.89 -11.53
C GLN B 130 1.75 -21.51 -11.18
N PHE B 131 2.27 -21.29 -9.96
CA PHE B 131 2.63 -19.95 -9.56
C PHE B 131 4.08 -19.77 -9.13
N GLY B 132 4.76 -20.85 -8.73
CA GLY B 132 6.11 -20.70 -8.21
C GLY B 132 7.09 -20.13 -9.23
N VAL B 133 6.94 -20.53 -10.49
CA VAL B 133 7.88 -20.08 -11.51
C VAL B 133 7.77 -18.57 -11.70
N GLY B 134 6.56 -18.07 -11.94
CA GLY B 134 6.39 -16.63 -12.07
C GLY B 134 6.80 -15.86 -10.83
N PHE B 135 6.59 -16.43 -9.64
CA PHE B 135 6.90 -15.70 -8.43
C PHE B 135 8.41 -15.54 -8.26
N TYR B 136 9.12 -16.67 -8.13
CA TYR B 136 10.55 -16.60 -7.86
C TYR B 136 11.33 -16.04 -9.04
N SER B 137 10.83 -16.19 -10.28
CA SER B 137 11.59 -15.63 -11.40
C SER B 137 11.60 -14.12 -11.37
N ALA B 138 10.58 -13.49 -10.76
CA ALA B 138 10.61 -12.04 -10.60
C ALA B 138 11.90 -11.58 -9.93
N PHE B 139 12.39 -12.36 -8.98
CA PHE B 139 13.57 -11.94 -8.23
C PHE B 139 14.84 -11.97 -9.06
N LEU B 140 14.75 -12.46 -10.31
CA LEU B 140 15.83 -12.32 -11.28
C LEU B 140 16.12 -10.85 -11.60
N VAL B 141 15.09 -10.00 -11.53
CA VAL B 141 15.18 -8.61 -11.97
C VAL B 141 14.61 -7.67 -10.90
N ALA B 142 13.87 -8.19 -9.93
CA ALA B 142 13.23 -7.36 -8.90
C ALA B 142 13.69 -7.74 -7.50
N ASP B 143 13.47 -6.80 -6.56
CA ASP B 143 13.86 -6.98 -5.15
C ASP B 143 12.69 -7.20 -4.23
N LYS B 144 11.53 -6.68 -4.58
CA LYS B 144 10.26 -6.97 -3.92
C LYS B 144 9.25 -7.18 -5.02
N VAL B 145 8.24 -8.00 -4.76
CA VAL B 145 7.07 -8.03 -5.61
C VAL B 145 5.87 -7.66 -4.73
N ILE B 146 5.07 -6.71 -5.21
CA ILE B 146 3.91 -6.19 -4.49
C ILE B 146 2.66 -6.54 -5.27
N VAL B 147 1.66 -7.07 -4.58
CA VAL B 147 0.44 -7.55 -5.20
C VAL B 147 -0.72 -6.78 -4.62
N THR B 148 -1.49 -6.12 -5.47
CA THR B 148 -2.69 -5.43 -5.05
C THR B 148 -3.85 -6.06 -5.81
N SER B 149 -4.90 -6.43 -5.10
CA SER B 149 -5.92 -7.25 -5.75
C SER B 149 -7.27 -7.07 -5.05
N LYS B 150 -8.33 -7.25 -5.84
CA LYS B 150 -9.70 -7.02 -5.42
C LYS B 150 -10.56 -8.11 -6.02
N HIS B 151 -11.14 -8.96 -5.18
CA HIS B 151 -12.07 -10.00 -5.58
C HIS B 151 -13.49 -9.53 -5.21
N ASN B 152 -14.47 -9.97 -5.98
CA ASN B 152 -15.85 -9.78 -5.54
C ASN B 152 -16.06 -10.44 -4.18
N ASN B 153 -16.75 -9.74 -3.28
CA ASN B 153 -17.09 -10.22 -1.94
C ASN B 153 -15.89 -10.22 -0.99
N ASP B 154 -14.94 -9.32 -1.23
CA ASP B 154 -13.92 -8.94 -0.26
C ASP B 154 -13.41 -7.57 -0.67
N THR B 155 -12.65 -6.94 0.23
CA THR B 155 -12.18 -5.58 -0.03
C THR B 155 -10.89 -5.65 -0.86
N GLN B 156 -10.22 -4.52 -1.01
CA GLN B 156 -8.98 -4.45 -1.77
C GLN B 156 -7.79 -4.44 -0.82
N HIS B 157 -6.86 -5.37 -1.00
CA HIS B 157 -5.67 -5.45 -0.18
C HIS B 157 -4.41 -5.23 -1.00
N ILE B 158 -3.31 -5.03 -0.28
CA ILE B 158 -1.99 -5.04 -0.87
C ILE B 158 -1.10 -6.06 -0.15
N TRP B 159 -0.26 -6.75 -0.92
CA TRP B 159 0.60 -7.83 -0.45
C TRP B 159 2.02 -7.58 -0.97
N GLU B 160 3.00 -7.49 -0.05
CA GLU B 160 4.41 -7.36 -0.42
C GLU B 160 5.26 -8.54 0.11
N SER B 161 6.18 -9.04 -0.73
CA SER B 161 7.13 -10.08 -0.32
C SER B 161 8.53 -9.78 -0.81
N ASP B 162 9.51 -10.32 -0.08
CA ASP B 162 10.94 -10.18 -0.39
C ASP B 162 11.54 -11.47 -0.94
N SER B 163 10.68 -12.43 -1.28
CA SER B 163 10.93 -13.81 -1.70
C SER B 163 10.65 -14.78 -0.56
N ASN B 164 10.87 -14.36 0.70
CA ASN B 164 10.73 -15.23 1.86
C ASN B 164 9.42 -15.00 2.63
N GLU B 165 9.24 -13.79 3.18
CA GLU B 165 8.12 -13.47 4.05
C GLU B 165 7.26 -12.36 3.45
N PHE B 166 6.01 -12.27 3.93
CA PHE B 166 5.05 -11.29 3.42
C PHE B 166 4.36 -10.55 4.56
N SER B 167 3.89 -9.34 4.26
CA SER B 167 2.91 -8.65 5.10
C SER B 167 1.75 -8.25 4.20
N VAL B 168 0.57 -8.03 4.80
CA VAL B 168 -0.62 -7.65 4.01
C VAL B 168 -1.45 -6.64 4.78
N ILE B 169 -2.03 -5.69 4.04
CA ILE B 169 -2.87 -4.63 4.59
C ILE B 169 -4.08 -4.44 3.70
N ALA B 170 -5.06 -3.68 4.20
CA ALA B 170 -6.12 -3.19 3.33
C ALA B 170 -5.63 -1.95 2.59
N ASP B 171 -6.01 -1.85 1.33
CA ASP B 171 -5.60 -0.73 0.50
C ASP B 171 -6.11 0.60 1.04
N PRO B 172 -5.22 1.50 1.47
CA PRO B 172 -5.67 2.86 1.88
C PRO B 172 -6.52 3.57 0.83
N ARG B 173 -6.30 3.30 -0.46
CA ARG B 173 -7.06 3.93 -1.54
C ARG B 173 -8.41 3.27 -1.76
N GLY B 174 -8.86 2.39 -0.87
CA GLY B 174 -10.15 1.74 -1.05
C GLY B 174 -10.16 0.76 -2.21
N ASN B 175 -11.00 1.00 -3.22
CA ASN B 175 -11.19 0.08 -4.33
C ASN B 175 -10.79 0.78 -5.63
N THR B 176 -9.49 0.75 -5.92
CA THR B 176 -8.94 1.40 -7.12
C THR B 176 -9.14 0.56 -8.38
N LEU B 177 -9.08 -0.77 -8.27
CA LEU B 177 -9.02 -1.59 -9.48
C LEU B 177 -10.38 -1.92 -10.06
N GLY B 178 -11.44 -1.77 -9.28
CA GLY B 178 -12.73 -2.31 -9.67
C GLY B 178 -12.71 -3.82 -9.51
N ARG B 179 -11.82 -4.47 -10.25
CA ARG B 179 -11.63 -5.90 -10.13
C ARG B 179 -10.33 -6.28 -10.82
N GLY B 180 -9.73 -7.37 -10.32
CA GLY B 180 -8.46 -7.84 -10.85
C GLY B 180 -7.26 -7.55 -9.97
N THR B 181 -6.08 -7.52 -10.58
CA THR B 181 -4.84 -7.49 -9.81
C THR B 181 -3.85 -6.57 -10.48
N THR B 182 -3.00 -5.94 -9.66
CA THR B 182 -1.83 -5.24 -10.16
C THR B 182 -0.60 -5.89 -9.53
N ILE B 183 0.32 -6.38 -10.37
CA ILE B 183 1.61 -6.89 -9.92
C ILE B 183 2.63 -5.77 -10.08
N THR B 184 3.26 -5.40 -8.98
CA THR B 184 4.23 -4.31 -8.98
C THR B 184 5.60 -4.92 -8.68
N LEU B 185 6.56 -4.71 -9.59
CA LEU B 185 7.91 -5.25 -9.46
C LEU B 185 8.87 -4.12 -9.13
N VAL B 186 9.31 -4.04 -7.87
CA VAL B 186 10.32 -3.06 -7.52
C VAL B 186 11.62 -3.53 -8.14
N LEU B 187 12.02 -2.93 -9.26
CA LEU B 187 13.13 -3.48 -10.02
C LEU B 187 14.46 -3.15 -9.35
N LYS B 188 15.44 -4.03 -9.56
CA LYS B 188 16.84 -3.69 -9.32
C LYS B 188 17.28 -2.60 -10.29
N GLU B 189 18.27 -1.78 -9.87
CA GLU B 189 18.84 -0.79 -10.78
C GLU B 189 19.58 -1.47 -11.94
N GLU B 190 20.14 -2.65 -11.70
CA GLU B 190 20.83 -3.39 -12.76
C GLU B 190 19.91 -3.68 -13.93
N ALA B 191 18.63 -3.85 -13.66
CA ALA B 191 17.66 -4.28 -14.66
C ALA B 191 16.76 -3.14 -15.07
N SER B 192 17.22 -1.90 -14.88
CA SER B 192 16.40 -0.75 -15.26
C SER B 192 16.15 -0.71 -16.76
N ASP B 193 17.03 -1.33 -17.55
CA ASP B 193 16.86 -1.37 -19.00
C ASP B 193 15.49 -1.93 -19.41
N TYR B 194 14.91 -2.83 -18.61
CA TYR B 194 13.61 -3.43 -18.93
C TYR B 194 12.47 -2.41 -19.01
N LEU B 195 12.64 -1.19 -18.51
CA LEU B 195 11.61 -0.16 -18.63
C LEU B 195 11.82 0.83 -19.76
N GLU B 196 12.84 0.62 -20.60
CA GLU B 196 12.92 1.38 -21.83
C GLU B 196 11.70 1.03 -22.67
N LEU B 197 10.88 2.04 -22.99
CA LEU B 197 9.60 1.79 -23.65
C LEU B 197 9.73 0.83 -24.82
N ASP B 198 10.85 0.88 -25.54
CA ASP B 198 10.96 0.08 -26.74
C ASP B 198 11.30 -1.38 -26.42
N THR B 199 12.18 -1.63 -25.44
CA THR B 199 12.46 -3.02 -25.11
C THR B 199 11.24 -3.70 -24.50
N ILE B 200 10.43 -2.98 -23.73
CA ILE B 200 9.26 -3.64 -23.15
C ILE B 200 8.13 -3.81 -24.16
N LYS B 201 8.00 -2.91 -25.15
CA LYS B 201 6.95 -3.09 -26.14
C LYS B 201 7.19 -4.35 -26.96
N ASN B 202 8.44 -4.56 -27.40
CA ASN B 202 8.73 -5.72 -28.24
C ASN B 202 8.61 -7.00 -27.44
N LEU B 203 8.95 -6.94 -26.15
CA LEU B 203 8.75 -8.09 -25.28
C LEU B 203 7.27 -8.41 -25.14
N VAL B 204 6.44 -7.40 -24.88
CA VAL B 204 5.02 -7.67 -24.69
C VAL B 204 4.39 -8.08 -26.01
N LYS B 205 4.79 -7.46 -27.12
CA LYS B 205 4.31 -7.93 -28.41
C LYS B 205 4.64 -9.41 -28.61
N LYS B 206 5.88 -9.80 -28.32
CA LYS B 206 6.32 -11.17 -28.51
C LYS B 206 5.55 -12.15 -27.61
N TYR B 207 5.49 -11.88 -26.32
CA TYR B 207 4.90 -12.88 -25.45
C TYR B 207 3.39 -12.80 -25.39
N SER B 208 2.74 -11.91 -26.14
CA SER B 208 1.29 -11.83 -26.04
C SER B 208 0.56 -12.17 -27.33
N GLN B 209 1.25 -12.64 -28.37
CA GLN B 209 0.55 -12.84 -29.62
C GLN B 209 -0.45 -14.00 -29.59
N PHE B 210 -0.50 -14.81 -28.53
CA PHE B 210 -1.49 -15.87 -28.44
C PHE B 210 -2.34 -15.72 -27.20
N ILE B 211 -2.69 -14.47 -26.90
CA ILE B 211 -3.60 -14.15 -25.80
C ILE B 211 -4.93 -13.74 -26.43
N ASN B 212 -6.02 -14.35 -25.95
CA ASN B 212 -7.33 -13.99 -26.46
C ASN B 212 -7.76 -12.61 -26.00
N PHE B 213 -7.14 -12.09 -24.97
CA PHE B 213 -7.47 -10.81 -24.36
C PHE B 213 -6.59 -9.70 -24.90
N PRO B 214 -7.14 -8.48 -25.01
CA PRO B 214 -6.31 -7.32 -25.41
C PRO B 214 -5.29 -6.97 -24.33
N ILE B 215 -4.03 -6.80 -24.75
CA ILE B 215 -2.94 -6.44 -23.85
C ILE B 215 -2.36 -5.10 -24.30
N TYR B 216 -2.25 -4.17 -23.38
CA TYR B 216 -1.84 -2.80 -23.67
C TYR B 216 -0.55 -2.43 -22.95
N VAL B 217 0.25 -1.61 -23.63
CA VAL B 217 1.39 -0.95 -23.03
C VAL B 217 1.16 0.55 -23.08
N TRP B 218 1.45 1.25 -21.98
CA TRP B 218 1.37 2.71 -21.88
C TRP B 218 2.49 3.33 -22.72
N SER B 219 2.14 4.04 -23.79
CA SER B 219 3.14 4.55 -24.75
C SER B 219 2.81 5.97 -25.19
N SER B 220 3.60 6.50 -26.13
CA SER B 220 3.62 7.93 -26.44
C SER B 220 3.78 8.18 -27.95
N LYS B 221 3.22 9.29 -28.41
CA LYS B 221 3.25 9.70 -29.82
C LYS B 221 3.80 11.13 -29.92
N THR B 222 3.57 11.78 -31.07
CA THR B 222 3.89 13.21 -31.28
C THR B 222 3.06 13.81 -32.41
N THR B 228 3.70 15.39 -27.97
CA THR B 228 3.94 14.19 -27.17
C THR B 228 2.84 13.96 -26.12
N VAL B 229 2.23 12.77 -26.19
CA VAL B 229 1.00 12.45 -25.48
C VAL B 229 1.00 10.96 -25.16
N TRP B 230 0.45 10.57 -24.00
CA TRP B 230 0.47 9.18 -23.53
C TRP B 230 -0.94 8.58 -23.56
N ASP B 231 -1.05 7.40 -24.14
CA ASP B 231 -2.26 6.58 -24.02
C ASP B 231 -1.88 5.11 -24.16
N TRP B 232 -2.84 4.24 -23.85
CA TRP B 232 -2.66 2.80 -23.99
C TRP B 232 -2.49 2.40 -25.45
N GLU B 233 -1.62 1.40 -25.69
CA GLU B 233 -1.36 0.88 -27.04
C GLU B 233 -1.58 -0.62 -27.05
N LEU B 234 -2.39 -1.11 -28.00
CA LEU B 234 -2.67 -2.54 -28.07
C LEU B 234 -1.51 -3.30 -28.72
N MET B 235 -1.13 -4.42 -28.12
CA MET B 235 0.02 -5.16 -28.60
C MET B 235 -0.36 -6.47 -29.27
N ASN B 236 -1.64 -6.77 -29.40
CA ASN B 236 -2.02 -8.05 -29.99
C ASN B 236 -3.35 -7.98 -30.71
S SO4 C . -1.01 19.41 -3.92
O1 SO4 C . -1.80 18.40 -4.63
O2 SO4 C . -1.48 20.75 -4.28
O3 SO4 C . 0.41 19.29 -4.27
O4 SO4 C . -1.17 19.19 -2.48
S SO4 D . 15.81 10.08 -1.25
O1 SO4 D . 16.03 10.28 -2.68
O2 SO4 D . 14.52 10.68 -0.90
O3 SO4 D . 15.78 8.64 -0.96
O4 SO4 D . 16.87 10.73 -0.47
CAB EQD E . 2.99 11.13 13.85
CAC EQD E . 4.31 10.85 13.52
CAD EQD E . 4.95 9.73 14.11
CAE EQD E . 5.83 10.04 15.31
CAF EQD E . 6.84 8.90 15.60
CAH EQD E . 8.71 7.88 15.76
CAI EQD E . 7.75 7.05 16.20
CAK EQD E . 5.32 7.07 16.49
CAL EQD E . 4.72 6.22 15.56
CAM EQD E . 5.47 5.46 14.67
CAN EQD E . 4.80 4.62 13.78
CAO EQD E . 3.41 4.51 13.76
CAP EQD E . 2.67 5.27 14.65
CAQ EQD E . 3.33 6.11 15.54
CAR EQD E . 4.96 11.66 12.57
CAT EQD E . 4.27 12.73 12.01
CAV EQD E . 2.96 13.01 12.35
CAW EQD E . 2.34 12.20 13.27
NAG EQD E . 8.15 9.04 15.40
NAJ EQD E . 6.59 7.67 16.08
OAU EQD E . 4.95 13.48 11.10
OAX EQD E . 1.05 12.43 13.64
CLB EQD E . 2.12 10.17 15.01
CLR EQD E . 6.64 11.41 12.05
C1 EDO F . 8.56 1.42 -3.52
O1 EDO F . 8.16 2.31 -2.47
C2 EDO F . 9.21 0.15 -2.94
O2 EDO F . 10.64 0.29 -2.92
C1 EDO G . -8.35 21.67 30.76
O1 EDO G . -8.77 20.43 31.36
C2 EDO G . -8.32 21.53 29.24
O2 EDO G . -9.59 21.04 28.77
C1 EDO H . -8.77 20.06 25.83
O1 EDO H . -7.57 20.00 26.63
C2 EDO H . -8.62 19.14 24.63
O2 EDO H . -7.44 19.45 23.89
S SO4 I . -17.81 -5.74 -4.15
O1 SO4 I . -17.84 -6.68 -5.26
O2 SO4 I . -19.19 -5.45 -3.75
O3 SO4 I . -17.09 -6.33 -3.02
O4 SO4 I . -17.14 -4.49 -4.53
S SO4 J . -7.53 4.30 -18.02
O1 SO4 J . -6.45 5.25 -18.37
O2 SO4 J . -8.55 4.31 -19.07
O3 SO4 J . -8.14 4.73 -16.76
O4 SO4 J . -6.99 2.95 -17.81
S SO4 K . -9.69 -5.33 6.34
O1 SO4 K . -10.17 -4.41 5.30
O2 SO4 K . -9.66 -6.70 5.82
O3 SO4 K . -10.61 -5.25 7.49
O4 SO4 K . -8.34 -5.00 6.81
S SO4 L . -17.21 -15.97 -4.68
O1 SO4 L . -17.42 -16.82 -5.85
O2 SO4 L . -17.59 -14.59 -4.98
O3 SO4 L . -18.04 -16.43 -3.57
O4 SO4 L . -15.80 -16.02 -4.29
CAB EQD M . -3.07 -12.95 -10.52
CAC EQD M . -1.90 -13.54 -10.00
CAD EQD M . -1.96 -14.34 -8.81
CAE EQD M . -2.22 -15.83 -9.06
CAF EQD M . -2.70 -16.58 -7.77
CAH EQD M . -4.01 -17.55 -6.38
CAI EQD M . -2.78 -17.66 -5.91
CAK EQD M . -0.48 -17.01 -6.52
CAL EQD M . -0.08 -15.94 -5.73
CAM EQD M . -0.85 -15.45 -4.69
CAN EQD M . -0.40 -14.39 -3.92
CAO EQD M . 0.83 -13.79 -4.18
CAP EQD M . 1.61 -14.29 -5.22
CAQ EQD M . 1.17 -15.35 -5.99
CAR EQD M . -0.67 -13.29 -10.62
CAT EQD M . -0.63 -12.47 -11.75
CAV EQD M . -1.79 -11.91 -12.27
CAW EQD M . -3.00 -12.14 -11.64
NAG EQD M . -3.97 -16.89 -7.54
NAJ EQD M . -1.96 -17.06 -6.76
OAU EQD M . 0.58 -12.25 -12.35
OAX EQD M . -4.16 -11.59 -12.14
CLB EQD M . -4.65 -13.24 -9.72
CLR EQD M . 0.83 -14.01 -9.97
C1 EDO N . -1.86 2.27 -12.41
O1 EDO N . -0.65 1.64 -11.92
C2 EDO N . -2.75 1.29 -13.17
O2 EDO N . -2.63 1.46 -14.59
C1 EDO O . -0.25 0.58 -7.27
O1 EDO O . -1.27 -0.44 -7.17
C2 EDO O . 0.08 1.00 -8.72
O2 EDO O . -1.05 1.60 -9.38
C1 EDO P . 7.57 -28.45 2.48
O1 EDO P . 8.90 -28.81 2.89
C2 EDO P . 7.40 -26.93 2.51
O2 EDO P . 6.05 -26.57 2.15
C1 EDO Q . 12.09 -1.60 1.69
O1 EDO Q . 10.87 -2.20 2.17
C2 EDO Q . 13.25 -1.93 2.62
O2 EDO Q . 13.33 -3.35 2.85
C1 EDO R . 8.69 -7.50 4.36
O1 EDO R . 7.88 -8.67 4.60
C2 EDO R . 10.08 -7.84 3.81
O2 EDO R . 10.86 -6.66 3.54
C1 EDO S . 4.25 8.07 -17.35
O1 EDO S . 5.47 8.19 -18.11
C2 EDO S . 3.26 9.17 -17.75
O2 EDO S . 2.00 8.99 -17.10
#